data_5E97
#
_entry.id   5E97
#
_cell.length_a   45.880
_cell.length_b   70.890
_cell.length_c   78.230
_cell.angle_alpha   90.00
_cell.angle_beta   94.91
_cell.angle_gamma   90.00
#
_symmetry.space_group_name_H-M   'P 1 21 1'
#
loop_
_entity.id
_entity.type
_entity.pdbx_description
1 polymer Heparanase
2 polymer Heparanase
3 branched '2-acetamido-2-deoxy-alpha-D-glucopyranose-(1-4)-beta-D-glucopyranuronic acid-(1-4)-2-acetamido-2-deoxy-alpha-D-glucopyranose-(1-4)-beta-D-glucopyranuronic acid'
4 non-polymer 2-acetamido-2-deoxy-beta-D-glucopyranose
5 non-polymer 'CHLORIDE ION'
6 non-polymer P-NITROPHENOL
7 water water
#
loop_
_entity_poly.entity_id
_entity_poly.type
_entity_poly.pdbx_seq_one_letter_code
_entity_poly.pdbx_strand_id
1 'polypeptide(L)'
;DPGKKFKNSTYSRSSVDVLYTFANCSGLDLIFGLNALLRTADLQWNSSNAQLLLDYCSSKGYNISWELGNEPNSFLKKAD
IFINGSQLGEDFIQLHKLLRKSTFKNAKLYGPDVGQPRRKTAKMLKSFLKAGGEVIDSVTWHHYYLNGRTATREDFLNPD
VLDIFISSVQKVFQVVESTRPGKKVWLGETSSAYGGGAPLLSDTFAAGFMWLDKLGLSARMGIEVVMRQVFFGAGNYHLV
DENFDPLPDYWLSLLFKKLVGTKVLMASVQGSKRRKLRVYLHCTNTDNPRYKEGDLTLYAINLHNVTKYLRLPYPFSNKQ
VDKYLLRPLGPHGLLSKSVQLNGLTLKMVDDQTLPPLMEKPLRPGSSLGLPAFSYSFFVIRNAKVAACI
;
A
2 'polypeptide(L)' DPGQDVVDLDFFTQEPLHLVSPSFLSVTIDANLATDPRFLILLGSPKLRTLARGLSPAYLRFGGTKTDFLIFDPKKE B
#
# COMPACT_ATOMS: atom_id res chain seq x y z
N LYS A 5 -20.82 -18.47 -1.97
CA LYS A 5 -20.23 -18.31 -3.33
C LYS A 5 -18.88 -19.02 -3.51
N PHE A 6 -18.02 -18.96 -2.48
CA PHE A 6 -16.61 -19.35 -2.65
C PHE A 6 -16.32 -20.86 -2.57
N LYS A 7 -15.74 -21.39 -3.64
CA LYS A 7 -15.36 -22.80 -3.75
C LYS A 7 -13.84 -22.94 -3.68
N ASN A 8 -13.36 -24.11 -3.23
CA ASN A 8 -11.94 -24.37 -3.16
C ASN A 8 -11.33 -24.59 -4.53
N SER A 9 -10.10 -24.11 -4.71
CA SER A 9 -9.34 -24.35 -5.92
C SER A 9 -7.99 -24.84 -5.48
N THR A 10 -7.27 -25.47 -6.40
CA THR A 10 -5.91 -25.89 -6.13
C THR A 10 -4.93 -25.05 -6.94
N TYR A 11 -3.71 -24.99 -6.46
CA TYR A 11 -2.61 -24.42 -7.19
C TYR A 11 -1.41 -25.33 -7.11
N SER A 12 -0.54 -25.19 -8.10
CA SER A 12 0.56 -26.12 -8.34
C SER A 12 1.88 -25.52 -7.92
N ARG A 13 2.92 -26.36 -7.98
CA ARG A 13 4.31 -25.93 -7.82
C ARG A 13 4.67 -24.88 -8.87
N SER A 14 4.19 -25.09 -10.10
CA SER A 14 4.35 -24.15 -11.20
C SER A 14 3.86 -22.74 -10.80
N SER A 15 2.67 -22.69 -10.23
CA SER A 15 2.06 -21.42 -9.76
C SER A 15 2.90 -20.74 -8.70
N VAL A 16 3.33 -21.52 -7.73
CA VAL A 16 4.26 -21.05 -6.70
C VAL A 16 5.51 -20.50 -7.35
N ASP A 17 6.07 -21.23 -8.30
CA ASP A 17 7.27 -20.75 -9.02
C ASP A 17 7.03 -19.47 -9.82
N VAL A 18 5.92 -19.37 -10.51
CA VAL A 18 5.54 -18.18 -11.28
C VAL A 18 5.53 -16.96 -10.34
N LEU A 19 4.86 -17.13 -9.21
CA LEU A 19 4.72 -16.04 -8.23
C LEU A 19 6.07 -15.62 -7.64
N TYR A 20 6.86 -16.59 -7.19
CA TYR A 20 8.15 -16.30 -6.64
C TYR A 20 9.10 -15.67 -7.64
N THR A 21 9.15 -16.18 -8.87
CA THR A 21 10.09 -15.64 -9.85
C THR A 21 9.69 -14.23 -10.26
N PHE A 22 8.39 -13.98 -10.30
CA PHE A 22 7.90 -12.63 -10.55
C PHE A 22 8.42 -11.69 -9.45
N ALA A 23 8.25 -12.06 -8.18
CA ALA A 23 8.73 -11.24 -7.09
C ALA A 23 10.24 -11.11 -7.08
N ASN A 24 10.93 -12.25 -7.15
CA ASN A 24 12.37 -12.24 -7.14
C ASN A 24 12.97 -11.45 -8.31
N CYS A 25 12.49 -11.67 -9.54
CA CYS A 25 12.99 -10.93 -10.75
C CYS A 25 12.67 -9.42 -10.70
N SER A 26 11.66 -9.07 -9.91
CA SER A 26 11.23 -7.67 -9.79
C SER A 26 11.83 -6.94 -8.58
N GLY A 27 12.61 -7.63 -7.76
CA GLY A 27 13.23 -7.06 -6.59
C GLY A 27 12.21 -6.82 -5.46
N LEU A 28 11.15 -7.62 -5.47
CA LEU A 28 10.11 -7.50 -4.46
C LEU A 28 10.20 -8.66 -3.46
N ASP A 29 9.69 -8.45 -2.25
CA ASP A 29 9.78 -9.47 -1.17
C ASP A 29 8.41 -10.09 -1.00
N LEU A 30 8.27 -11.38 -1.31
CA LEU A 30 6.99 -12.05 -1.31
C LEU A 30 6.46 -12.38 0.07
N ILE A 31 5.20 -12.01 0.31
CA ILE A 31 4.44 -12.42 1.48
C ILE A 31 3.34 -13.31 0.97
N PHE A 32 3.25 -14.54 1.49
CA PHE A 32 2.27 -15.52 1.02
C PHE A 32 1.22 -15.84 2.06
N GLY A 33 -0.03 -15.59 1.75
CA GLY A 33 -1.10 -15.91 2.69
C GLY A 33 -1.54 -17.37 2.60
N LEU A 34 -1.44 -18.04 3.74
CA LEU A 34 -1.88 -19.44 3.86
C LEU A 34 -3.36 -19.54 4.16
N ASN A 35 -3.94 -20.65 3.71
CA ASN A 35 -5.36 -20.97 3.97
C ASN A 35 -5.64 -21.27 5.44
N ALA A 36 -6.41 -20.39 6.08
CA ALA A 36 -6.76 -20.57 7.49
C ALA A 36 -8.04 -21.37 7.73
N LEU A 37 -8.75 -21.74 6.66
CA LEU A 37 -10.05 -22.43 6.76
C LEU A 37 -9.91 -23.96 6.70
N LEU A 38 -8.67 -24.45 6.67
CA LEU A 38 -8.37 -25.88 6.78
C LEU A 38 -8.35 -26.18 8.27
N ARG A 39 -9.35 -26.94 8.71
CA ARG A 39 -9.68 -27.09 10.11
C ARG A 39 -9.82 -28.55 10.53
N THR A 40 -9.36 -28.88 11.73
CA THR A 40 -9.61 -30.20 12.30
C THR A 40 -11.05 -30.26 12.84
N ALA A 41 -11.51 -31.47 13.17
CA ALA A 41 -12.86 -31.68 13.77
C ALA A 41 -13.25 -30.65 14.83
N ASP A 42 -12.32 -30.32 15.73
CA ASP A 42 -12.57 -29.36 16.82
C ASP A 42 -12.12 -27.90 16.54
N LEU A 43 -12.19 -27.48 15.27
CA LEU A 43 -11.84 -26.11 14.84
C LEU A 43 -10.38 -25.63 15.12
N GLN A 44 -9.42 -26.55 15.27
CA GLN A 44 -8.00 -26.17 15.26
C GLN A 44 -7.53 -26.03 13.82
N TRP A 45 -6.53 -25.18 13.59
CA TRP A 45 -6.01 -25.08 12.22
C TRP A 45 -5.30 -26.39 11.89
N ASN A 46 -5.64 -26.96 10.74
CA ASN A 46 -4.93 -28.10 10.18
C ASN A 46 -3.81 -27.60 9.29
N SER A 47 -2.59 -27.73 9.79
CA SER A 47 -1.38 -27.25 9.13
C SER A 47 -0.77 -28.15 8.06
N SER A 48 -1.39 -29.29 7.78
CA SER A 48 -0.77 -30.28 6.88
C SER A 48 -0.53 -29.78 5.43
N ASN A 49 -1.49 -29.04 4.87
CA ASN A 49 -1.29 -28.46 3.56
C ASN A 49 -0.16 -27.41 3.60
N ALA A 50 -0.21 -26.49 4.57
CA ALA A 50 0.86 -25.50 4.72
C ALA A 50 2.25 -26.17 4.89
N GLN A 51 2.30 -27.29 5.61
CA GLN A 51 3.55 -28.03 5.78
C GLN A 51 4.05 -28.49 4.42
N LEU A 52 3.15 -28.93 3.57
CA LEU A 52 3.54 -29.32 2.22
C LEU A 52 4.17 -28.15 1.46
N LEU A 53 3.51 -27.00 1.54
CA LEU A 53 4.02 -25.82 0.85
C LEU A 53 5.34 -25.35 1.43
N LEU A 54 5.44 -25.31 2.76
CA LEU A 54 6.67 -24.86 3.41
C LEU A 54 7.87 -25.70 2.97
N ASP A 55 7.65 -27.02 2.92
CA ASP A 55 8.69 -27.93 2.55
C ASP A 55 9.12 -27.68 1.13
N TYR A 56 8.16 -27.58 0.22
CA TYR A 56 8.45 -27.28 -1.18
C TYR A 56 9.23 -25.98 -1.35
N CYS A 57 8.77 -24.92 -0.69
CA CYS A 57 9.46 -23.63 -0.79
C CYS A 57 10.87 -23.71 -0.22
N SER A 58 11.01 -24.39 0.92
CA SER A 58 12.36 -24.68 1.48
C SER A 58 13.26 -25.37 0.46
N SER A 59 12.70 -26.39 -0.18
CA SER A 59 13.44 -27.17 -1.18
C SER A 59 13.93 -26.36 -2.38
N LYS A 60 13.29 -25.23 -2.72
CA LYS A 60 13.72 -24.39 -3.83
C LYS A 60 14.57 -23.19 -3.43
N GLY A 61 14.78 -23.00 -2.13
CA GLY A 61 15.58 -21.91 -1.64
C GLY A 61 14.78 -20.60 -1.61
N TYR A 62 13.45 -20.68 -1.58
CA TYR A 62 12.60 -19.47 -1.64
C TYR A 62 12.53 -18.77 -0.30
N ASN A 63 12.94 -17.50 -0.25
CA ASN A 63 12.86 -16.73 0.98
C ASN A 63 11.51 -15.99 0.97
N ILE A 64 10.58 -16.45 1.80
CA ILE A 64 9.17 -16.01 1.70
C ILE A 64 8.76 -15.67 3.14
N SER A 65 7.91 -14.64 3.30
CA SER A 65 7.26 -14.34 4.53
C SER A 65 5.83 -14.79 4.45
N TRP A 66 5.23 -15.03 5.61
CA TRP A 66 3.94 -15.69 5.66
C TRP A 66 2.83 -14.90 6.37
N GLU A 67 1.59 -15.18 5.95
CA GLU A 67 0.38 -14.79 6.64
C GLU A 67 -0.50 -16.00 6.75
N LEU A 68 -1.55 -15.91 7.57
CA LEU A 68 -2.48 -16.99 7.70
C LEU A 68 -3.89 -16.43 7.83
N GLY A 69 -4.70 -16.61 6.78
CA GLY A 69 -6.07 -16.13 6.74
C GLY A 69 -6.16 -14.70 6.21
N ASN A 70 -7.28 -14.41 5.59
CA ASN A 70 -7.63 -13.09 5.07
C ASN A 70 -9.01 -12.71 5.62
N GLU A 71 -9.12 -11.54 6.28
CA GLU A 71 -10.40 -11.14 6.88
C GLU A 71 -11.08 -12.26 7.64
N PRO A 72 -10.41 -12.76 8.66
CA PRO A 72 -11.03 -13.80 9.46
C PRO A 72 -12.32 -13.33 10.15
N ASN A 73 -12.46 -12.01 10.37
CA ASN A 73 -13.71 -11.45 10.85
C ASN A 73 -14.98 -11.86 10.09
N SER A 74 -14.84 -12.22 8.82
CA SER A 74 -16.00 -12.64 8.00
C SER A 74 -15.97 -14.09 7.53
N PHE A 75 -15.24 -14.92 8.25
CA PHE A 75 -15.25 -16.39 8.00
C PHE A 75 -16.64 -16.99 8.16
N LEU A 76 -17.40 -16.51 9.13
CA LEU A 76 -18.76 -17.08 9.33
C LEU A 76 -19.62 -16.82 8.09
N LYS A 77 -19.62 -15.57 7.62
CA LYS A 77 -20.32 -15.27 6.36
C LYS A 77 -19.80 -16.03 5.14
N LYS A 78 -18.48 -16.12 4.99
CA LYS A 78 -17.86 -16.70 3.79
C LYS A 78 -17.94 -18.22 3.73
N ALA A 79 -17.84 -18.87 4.89
CA ALA A 79 -17.74 -20.32 4.95
C ALA A 79 -18.54 -20.99 6.09
N ASP A 80 -19.41 -20.23 6.77
CA ASP A 80 -20.17 -20.74 7.93
C ASP A 80 -19.35 -21.36 9.06
N ILE A 81 -18.14 -20.84 9.24
CA ILE A 81 -17.25 -21.29 10.29
C ILE A 81 -16.91 -20.03 11.06
N PHE A 82 -17.10 -20.05 12.37
CA PHE A 82 -16.61 -18.97 13.21
C PHE A 82 -15.34 -19.39 13.94
N ILE A 83 -14.25 -18.68 13.68
CA ILE A 83 -13.00 -18.84 14.39
C ILE A 83 -12.81 -17.60 15.25
N ASN A 84 -12.78 -17.74 16.57
CA ASN A 84 -12.64 -16.56 17.42
C ASN A 84 -11.17 -16.11 17.41
N GLY A 85 -10.90 -14.90 17.92
CA GLY A 85 -9.52 -14.38 17.85
C GLY A 85 -8.51 -15.15 18.67
N SER A 86 -8.97 -15.66 19.80
CA SER A 86 -8.13 -16.52 20.67
C SER A 86 -7.64 -17.76 19.94
N GLN A 87 -8.56 -18.47 19.29
CA GLN A 87 -8.22 -19.64 18.45
C GLN A 87 -7.28 -19.27 17.32
N LEU A 88 -7.55 -18.16 16.63
CA LEU A 88 -6.69 -17.72 15.55
C LEU A 88 -5.29 -17.45 16.03
N GLY A 89 -5.16 -16.82 17.20
CA GLY A 89 -3.85 -16.59 17.77
C GLY A 89 -3.09 -17.89 18.04
N GLU A 90 -3.80 -18.90 18.53
CA GLU A 90 -3.19 -20.24 18.72
C GLU A 90 -2.74 -20.86 17.39
N ASP A 91 -3.56 -20.68 16.35
CA ASP A 91 -3.24 -21.11 14.99
C ASP A 91 -1.96 -20.48 14.51
N PHE A 92 -1.78 -19.17 14.79
CA PHE A 92 -0.55 -18.47 14.39
C PHE A 92 0.66 -19.00 15.18
N ILE A 93 0.45 -19.31 16.44
CA ILE A 93 1.50 -19.94 17.25
C ILE A 93 1.92 -21.25 16.58
N GLN A 94 0.97 -22.05 16.14
CA GLN A 94 1.32 -23.31 15.47
C GLN A 94 2.05 -23.11 14.16
N LEU A 95 1.65 -22.09 13.38
CA LEU A 95 2.41 -21.77 12.16
C LEU A 95 3.83 -21.31 12.51
N HIS A 96 3.98 -20.47 13.54
CA HIS A 96 5.28 -19.96 13.93
C HIS A 96 6.20 -21.16 14.30
N LYS A 97 5.65 -22.17 14.97
CA LYS A 97 6.45 -23.40 15.30
C LYS A 97 6.93 -24.11 14.04
N LEU A 98 6.06 -24.24 13.03
CA LEU A 98 6.47 -24.80 11.74
C LEU A 98 7.54 -23.98 11.08
N LEU A 99 7.44 -22.67 11.13
CA LEU A 99 8.45 -21.86 10.52
C LEU A 99 9.80 -22.00 11.23
N ARG A 100 9.77 -22.05 12.55
CA ARG A 100 11.01 -22.15 13.34
C ARG A 100 11.74 -23.49 13.06
N LYS A 101 10.99 -24.51 12.64
CA LYS A 101 11.57 -25.81 12.30
C LYS A 101 11.94 -25.92 10.85
N SER A 102 11.76 -24.86 10.07
CA SER A 102 12.02 -24.92 8.64
C SER A 102 13.42 -24.39 8.35
N THR A 103 13.81 -24.48 7.08
CA THR A 103 15.09 -23.96 6.58
C THR A 103 15.30 -22.47 6.77
N PHE A 104 14.22 -21.70 6.68
CA PHE A 104 14.23 -20.28 7.00
C PHE A 104 13.59 -20.11 8.39
N LYS A 105 14.41 -20.33 9.42
CA LYS A 105 13.95 -20.34 10.81
C LYS A 105 13.63 -18.93 11.29
N ASN A 106 14.10 -17.94 10.58
CA ASN A 106 13.85 -16.56 10.96
C ASN A 106 12.83 -15.93 10.03
N ALA A 107 12.09 -16.74 9.27
CA ALA A 107 11.08 -16.20 8.33
C ALA A 107 10.07 -15.38 9.14
N LYS A 108 9.57 -14.32 8.51
CA LYS A 108 8.64 -13.43 9.17
C LYS A 108 7.20 -13.87 8.97
N LEU A 109 6.38 -13.49 9.92
CA LEU A 109 5.00 -13.88 10.01
C LEU A 109 4.15 -12.64 10.37
N TYR A 110 3.11 -12.38 9.57
CA TYR A 110 2.28 -11.19 9.72
C TYR A 110 0.83 -11.63 9.78
N GLY A 111 0.03 -10.92 10.55
CA GLY A 111 -1.39 -11.14 10.57
C GLY A 111 -2.07 -10.18 11.52
N PRO A 112 -3.38 -10.31 11.72
CA PRO A 112 -4.23 -11.37 11.17
C PRO A 112 -5.00 -10.97 9.92
N ASP A 113 -4.64 -9.84 9.33
CA ASP A 113 -5.33 -9.41 8.09
C ASP A 113 -6.83 -9.25 8.27
N VAL A 114 -7.23 -8.67 9.41
CA VAL A 114 -8.58 -8.29 9.66
C VAL A 114 -8.96 -7.08 8.83
N GLY A 115 -10.25 -6.91 8.65
CA GLY A 115 -10.75 -5.73 8.01
C GLY A 115 -10.72 -4.54 8.95
N GLN A 116 -11.31 -3.47 8.50
CA GLN A 116 -11.34 -2.23 9.25
C GLN A 116 -12.07 -2.42 10.60
N PRO A 117 -11.66 -1.68 11.62
CA PRO A 117 -12.02 -2.00 13.03
C PRO A 117 -13.40 -1.59 13.55
N ARG A 118 -14.43 -2.08 12.89
CA ARG A 118 -15.80 -2.11 13.46
C ARG A 118 -15.77 -2.96 14.72
N ARG A 119 -16.82 -2.83 15.54
CA ARG A 119 -16.78 -3.40 16.88
C ARG A 119 -16.34 -4.88 16.93
N LYS A 120 -16.99 -5.70 16.15
CA LYS A 120 -16.70 -7.12 16.19
C LYS A 120 -15.30 -7.46 15.67
N THR A 121 -14.82 -6.70 14.69
CA THR A 121 -13.48 -6.90 14.18
C THR A 121 -12.46 -6.46 15.21
N ALA A 122 -12.72 -5.33 15.89
CA ALA A 122 -11.80 -4.85 16.89
C ALA A 122 -11.66 -5.86 18.03
N LYS A 123 -12.79 -6.47 18.42
CA LYS A 123 -12.81 -7.51 19.44
C LYS A 123 -11.95 -8.72 19.04
N MET A 124 -12.10 -9.15 17.79
CA MET A 124 -11.33 -10.28 17.23
C MET A 124 -9.87 -9.93 17.16
N LEU A 125 -9.58 -8.71 16.72
CA LEU A 125 -8.18 -8.28 16.70
C LEU A 125 -7.54 -8.28 18.12
N LYS A 126 -8.27 -7.79 19.12
CA LYS A 126 -7.75 -7.70 20.48
C LYS A 126 -7.43 -9.08 21.08
N SER A 127 -8.38 -9.99 20.93
CA SER A 127 -8.22 -11.34 21.47
C SER A 127 -7.14 -12.10 20.69
N PHE A 128 -7.09 -11.88 19.38
CA PHE A 128 -5.98 -12.37 18.56
C PHE A 128 -4.65 -11.91 19.09
N LEU A 129 -4.50 -10.59 19.29
CA LEU A 129 -3.20 -10.08 19.74
C LEU A 129 -2.85 -10.57 21.16
N LYS A 130 -3.85 -10.67 22.04
CA LYS A 130 -3.58 -11.23 23.40
C LYS A 130 -3.00 -12.63 23.29
N ALA A 131 -3.64 -13.48 22.48
CA ALA A 131 -3.28 -14.89 22.30
C ALA A 131 -2.03 -15.16 21.44
N GLY A 132 -1.99 -14.57 20.26
CA GLY A 132 -0.96 -14.85 19.27
C GLY A 132 0.04 -13.74 18.94
N GLY A 133 -0.11 -12.59 19.59
CA GLY A 133 0.67 -11.44 19.28
C GLY A 133 2.16 -11.56 19.44
N GLU A 134 2.61 -12.47 20.30
CA GLU A 134 4.04 -12.62 20.51
C GLU A 134 4.74 -13.13 19.27
N VAL A 135 4.06 -13.91 18.44
CA VAL A 135 4.70 -14.51 17.29
C VAL A 135 4.61 -13.77 15.94
N ILE A 136 3.88 -12.66 15.89
CA ILE A 136 3.78 -11.93 14.62
C ILE A 136 4.79 -10.78 14.64
N ASP A 137 5.30 -10.48 13.48
CA ASP A 137 6.28 -9.48 13.31
C ASP A 137 5.65 -8.10 13.08
N SER A 138 4.46 -8.09 12.52
CA SER A 138 3.69 -6.85 12.30
C SER A 138 2.23 -7.24 12.33
N VAL A 139 1.39 -6.29 12.73
CA VAL A 139 -0.05 -6.47 12.74
C VAL A 139 -0.57 -5.97 11.41
N THR A 140 -1.36 -6.78 10.71
CA THR A 140 -1.91 -6.39 9.40
C THR A 140 -3.42 -6.25 9.49
N TRP A 141 -3.92 -5.18 8.88
CA TRP A 141 -5.34 -4.93 8.74
C TRP A 141 -5.60 -4.27 7.38
N HIS A 142 -6.86 -4.26 7.00
CA HIS A 142 -7.25 -3.86 5.66
C HIS A 142 -8.18 -2.67 5.68
N HIS A 143 -8.17 -1.88 4.59
CA HIS A 143 -9.02 -0.74 4.48
C HIS A 143 -9.46 -0.40 3.07
N TYR A 144 -10.76 -0.19 2.88
CA TYR A 144 -11.26 0.39 1.67
C TYR A 144 -12.26 1.47 2.06
N TYR A 145 -12.35 2.57 1.31
CA TYR A 145 -13.24 3.62 1.73
C TYR A 145 -14.72 3.33 1.47
N LEU A 146 -14.98 2.71 0.31
CA LEU A 146 -16.32 2.67 -0.30
C LEU A 146 -16.54 1.34 -0.99
N ASN A 147 -17.81 1.01 -1.20
CA ASN A 147 -18.22 0.00 -2.13
C ASN A 147 -18.10 0.50 -3.54
N GLY A 148 -17.38 -0.23 -4.37
CA GLY A 148 -17.15 0.20 -5.76
C GLY A 148 -18.43 0.32 -6.56
N ARG A 149 -19.43 -0.47 -6.22
CA ARG A 149 -20.66 -0.47 -7.00
C ARG A 149 -21.44 0.83 -6.95
N THR A 150 -21.34 1.55 -5.82
CA THR A 150 -22.11 2.76 -5.60
C THR A 150 -21.31 4.03 -5.49
N ALA A 151 -19.99 3.90 -5.40
CA ALA A 151 -19.16 5.06 -5.19
C ALA A 151 -19.36 6.06 -6.33
N THR A 152 -19.34 7.33 -5.99
CA THR A 152 -19.47 8.41 -6.98
C THR A 152 -18.16 9.11 -7.21
N ARG A 153 -18.14 9.87 -8.29
CA ARG A 153 -17.03 10.79 -8.52
C ARG A 153 -16.81 11.73 -7.36
N GLU A 154 -17.91 12.28 -6.84
CA GLU A 154 -17.83 13.20 -5.70
C GLU A 154 -17.16 12.57 -4.49
N ASP A 155 -17.43 11.30 -4.26
CA ASP A 155 -16.86 10.57 -3.11
C ASP A 155 -15.35 10.55 -3.20
N PHE A 156 -14.84 10.34 -4.43
CA PHE A 156 -13.38 10.31 -4.66
C PHE A 156 -12.71 11.68 -4.42
N LEU A 157 -13.48 12.78 -4.42
CA LEU A 157 -12.97 14.11 -4.21
C LEU A 157 -13.37 14.73 -2.88
N ASN A 158 -14.02 13.95 -2.00
CA ASN A 158 -14.63 14.48 -0.80
C ASN A 158 -13.72 14.33 0.43
N PRO A 159 -13.26 15.45 1.01
CA PRO A 159 -12.45 15.36 2.20
C PRO A 159 -13.15 14.62 3.34
N ASP A 160 -14.50 14.63 3.40
CA ASP A 160 -15.21 13.93 4.46
C ASP A 160 -15.10 12.42 4.30
N VAL A 161 -14.93 11.96 3.07
CA VAL A 161 -14.71 10.57 2.80
C VAL A 161 -13.26 10.27 3.13
N LEU A 162 -12.33 11.08 2.66
CA LEU A 162 -10.91 10.86 2.99
C LEU A 162 -10.64 10.76 4.51
N ASP A 163 -11.29 11.64 5.27
CA ASP A 163 -11.07 11.71 6.69
C ASP A 163 -11.53 10.50 7.48
N ILE A 164 -12.41 9.66 6.93
CA ILE A 164 -12.85 8.46 7.66
C ILE A 164 -11.69 7.52 8.00
N PHE A 165 -10.68 7.53 7.13
CA PHE A 165 -9.53 6.71 7.30
C PHE A 165 -8.83 7.00 8.62
N ILE A 166 -8.88 8.28 9.06
CA ILE A 166 -8.19 8.68 10.27
C ILE A 166 -8.75 7.91 11.49
N SER A 167 -10.09 7.84 11.63
CA SER A 167 -10.61 7.10 12.80
C SER A 167 -10.35 5.62 12.73
N SER A 168 -10.29 5.03 11.52
CA SER A 168 -9.93 3.62 11.44
C SER A 168 -8.53 3.40 11.99
N VAL A 169 -7.61 4.22 11.53
CA VAL A 169 -6.22 4.10 11.99
C VAL A 169 -6.15 4.25 13.53
N GLN A 170 -6.83 5.27 14.10
CA GLN A 170 -6.81 5.50 15.56
C GLN A 170 -7.34 4.29 16.30
N LYS A 171 -8.38 3.70 15.79
CA LYS A 171 -8.97 2.54 16.43
C LYS A 171 -8.07 1.30 16.43
N VAL A 172 -7.39 1.06 15.31
CA VAL A 172 -6.44 -0.03 15.28
C VAL A 172 -5.32 0.20 16.30
N PHE A 173 -4.76 1.41 16.36
CA PHE A 173 -3.72 1.69 17.34
C PHE A 173 -4.22 1.59 18.77
N GLN A 174 -5.48 1.96 19.03
N GLN A 174 -5.49 1.94 19.02
CA GLN A 174 -6.05 1.75 20.36
CA GLN A 174 -6.06 1.76 20.34
C GLN A 174 -5.98 0.28 20.76
C GLN A 174 -6.10 0.29 20.79
N VAL A 175 -6.38 -0.62 19.86
CA VAL A 175 -6.35 -2.06 20.15
C VAL A 175 -4.90 -2.54 20.37
N VAL A 176 -4.02 -2.17 19.46
CA VAL A 176 -2.65 -2.60 19.53
C VAL A 176 -2.01 -2.07 20.84
N GLU A 177 -2.20 -0.81 21.17
CA GLU A 177 -1.59 -0.26 22.40
C GLU A 177 -2.12 -0.87 23.73
N SER A 178 -3.31 -1.42 23.67
CA SER A 178 -3.89 -2.09 24.82
C SER A 178 -3.45 -3.54 24.96
N THR A 179 -2.71 -4.08 23.97
CA THR A 179 -2.35 -5.52 23.94
C THR A 179 -0.91 -5.84 23.63
N ARG A 180 -0.35 -5.23 22.60
CA ARG A 180 1.04 -5.45 22.24
C ARG A 180 1.67 -4.12 21.93
N PRO A 181 1.90 -3.30 22.99
CA PRO A 181 2.38 -1.95 22.75
C PRO A 181 3.64 -1.94 21.92
N GLY A 182 3.69 -1.06 20.95
CA GLY A 182 4.86 -0.95 20.12
C GLY A 182 4.99 -1.88 18.94
N LYS A 183 4.13 -2.89 18.80
CA LYS A 183 4.18 -3.80 17.67
C LYS A 183 3.89 -2.97 16.41
N LYS A 184 4.62 -3.24 15.33
CA LYS A 184 4.44 -2.48 14.10
C LYS A 184 3.07 -2.78 13.52
N VAL A 185 2.48 -1.76 12.89
CA VAL A 185 1.17 -1.87 12.30
C VAL A 185 1.27 -1.55 10.81
N TRP A 186 0.73 -2.47 9.99
CA TRP A 186 0.79 -2.45 8.52
C TRP A 186 -0.61 -2.49 7.97
N LEU A 187 -0.83 -1.71 6.91
CA LEU A 187 -2.01 -1.89 6.11
C LEU A 187 -1.72 -3.01 5.11
N GLY A 188 -2.25 -4.20 5.38
CA GLY A 188 -1.98 -5.41 4.59
C GLY A 188 -2.65 -5.59 3.26
N GLU A 189 -3.65 -4.76 2.99
CA GLU A 189 -4.39 -4.78 1.74
C GLU A 189 -5.26 -3.56 1.77
N THR A 190 -5.15 -2.65 0.77
CA THR A 190 -5.92 -1.42 0.85
C THR A 190 -6.13 -0.80 -0.50
N SER A 191 -7.26 -0.15 -0.69
CA SER A 191 -7.55 0.56 -1.93
C SER A 191 -8.69 1.55 -1.78
N SER A 192 -9.12 2.12 -2.91
CA SER A 192 -10.19 3.08 -2.94
C SER A 192 -11.53 2.47 -2.57
N ALA A 193 -11.88 1.41 -3.28
CA ALA A 193 -13.23 0.85 -3.20
C ALA A 193 -13.18 -0.65 -3.44
N TYR A 194 -14.01 -1.38 -2.72
CA TYR A 194 -14.10 -2.86 -2.85
C TYR A 194 -15.13 -3.22 -3.95
N GLY A 195 -15.40 -4.52 -4.14
CA GLY A 195 -16.11 -5.05 -5.29
C GLY A 195 -15.28 -4.91 -6.54
N GLY A 196 -13.97 -4.93 -6.41
CA GLY A 196 -13.07 -4.72 -7.53
C GLY A 196 -12.76 -3.29 -7.91
N GLY A 197 -13.29 -2.31 -7.18
CA GLY A 197 -13.08 -0.91 -7.51
C GLY A 197 -14.30 -0.28 -8.12
N ALA A 198 -14.29 1.03 -8.18
CA ALA A 198 -15.38 1.80 -8.73
C ALA A 198 -15.17 1.95 -10.21
N PRO A 199 -16.05 1.35 -11.03
CA PRO A 199 -15.91 1.53 -12.46
C PRO A 199 -15.71 2.97 -12.89
N LEU A 200 -14.73 3.17 -13.77
CA LEU A 200 -14.41 4.45 -14.36
C LEU A 200 -13.83 5.47 -13.41
N LEU A 201 -13.52 5.05 -12.17
CA LEU A 201 -12.99 5.92 -11.13
C LEU A 201 -11.68 5.42 -10.52
N SER A 202 -11.66 4.18 -10.13
CA SER A 202 -10.54 3.60 -9.39
C SER A 202 -9.30 3.39 -10.23
N ASP A 203 -9.45 3.52 -11.55
CA ASP A 203 -8.37 3.35 -12.49
C ASP A 203 -7.99 4.69 -13.17
N THR A 204 -8.33 5.83 -12.57
CA THR A 204 -8.18 7.14 -13.22
C THR A 204 -7.35 8.06 -12.37
N PHE A 205 -7.08 9.25 -12.90
CA PHE A 205 -6.40 10.31 -12.18
C PHE A 205 -7.15 10.61 -10.88
N ALA A 206 -8.45 10.53 -10.91
CA ALA A 206 -9.28 10.83 -9.71
C ALA A 206 -8.97 9.87 -8.55
N ALA A 207 -8.53 8.66 -8.87
CA ALA A 207 -8.16 7.70 -7.82
C ALA A 207 -6.98 8.15 -6.99
N GLY A 208 -6.19 9.07 -7.51
CA GLY A 208 -4.96 9.49 -6.88
C GLY A 208 -5.14 10.30 -5.60
N PHE A 209 -6.28 10.98 -5.44
CA PHE A 209 -6.52 11.73 -4.19
C PHE A 209 -6.60 10.76 -3.02
N MET A 210 -7.40 9.71 -3.17
CA MET A 210 -7.46 8.66 -2.14
C MET A 210 -6.11 7.99 -1.90
N TRP A 211 -5.41 7.65 -2.98
CA TRP A 211 -4.13 6.93 -2.79
C TRP A 211 -3.05 7.79 -2.13
N LEU A 212 -2.86 9.02 -2.61
CA LEU A 212 -1.82 9.84 -2.03
C LEU A 212 -2.19 10.25 -0.61
N ASP A 213 -3.47 10.56 -0.37
CA ASP A 213 -3.89 10.96 0.98
C ASP A 213 -3.70 9.82 1.99
N LYS A 214 -4.02 8.60 1.55
CA LYS A 214 -3.86 7.42 2.40
C LYS A 214 -2.40 7.25 2.77
N LEU A 215 -1.53 7.37 1.77
CA LEU A 215 -0.10 7.29 2.04
C LEU A 215 0.36 8.35 3.03
N GLY A 216 -0.06 9.56 2.82
CA GLY A 216 0.29 10.66 3.70
C GLY A 216 -0.18 10.47 5.13
N LEU A 217 -1.43 10.08 5.29
CA LEU A 217 -1.96 9.87 6.61
C LEU A 217 -1.33 8.66 7.28
N SER A 218 -1.13 7.61 6.49
CA SER A 218 -0.59 6.38 7.05
C SER A 218 0.80 6.68 7.63
N ALA A 219 1.58 7.37 6.81
CA ALA A 219 2.97 7.72 7.25
C ALA A 219 2.93 8.63 8.46
N ARG A 220 2.08 9.65 8.40
CA ARG A 220 1.92 10.58 9.53
C ARG A 220 1.47 9.97 10.87
N MET A 221 0.63 8.93 10.79
CA MET A 221 -0.02 8.35 11.94
C MET A 221 0.71 7.14 12.51
N GLY A 222 1.78 6.67 11.88
CA GLY A 222 2.57 5.56 12.46
C GLY A 222 2.44 4.21 11.77
N ILE A 223 1.66 4.13 10.69
CA ILE A 223 1.64 2.91 9.89
C ILE A 223 2.97 2.77 9.13
N GLU A 224 3.60 1.59 9.22
CA GLU A 224 4.96 1.42 8.71
C GLU A 224 5.07 0.97 7.25
N VAL A 225 4.06 0.20 6.78
CA VAL A 225 3.95 -0.36 5.42
C VAL A 225 2.49 -0.29 4.99
N VAL A 226 2.27 0.11 3.74
CA VAL A 226 0.93 0.11 3.13
C VAL A 226 1.01 -0.74 1.86
N MET A 227 0.15 -1.75 1.80
CA MET A 227 0.09 -2.68 0.66
C MET A 227 -1.12 -2.37 -0.24
N ARG A 228 -0.85 -1.86 -1.41
CA ARG A 228 -1.88 -1.46 -2.35
C ARG A 228 -2.49 -2.65 -3.07
N GLN A 229 -3.80 -2.76 -2.93
CA GLN A 229 -4.66 -3.61 -3.77
C GLN A 229 -4.98 -2.80 -5.03
N VAL A 230 -4.52 -3.22 -6.22
CA VAL A 230 -3.69 -4.39 -6.54
C VAL A 230 -2.66 -3.93 -7.58
N PHE A 231 -1.50 -4.58 -7.67
CA PHE A 231 -0.53 -4.23 -8.70
C PHE A 231 -1.11 -4.48 -10.09
N PHE A 232 -1.72 -5.65 -10.24
CA PHE A 232 -2.26 -6.16 -11.46
C PHE A 232 -3.30 -7.18 -11.15
N GLY A 233 -4.41 -7.15 -11.90
CA GLY A 233 -5.47 -8.15 -11.78
C GLY A 233 -6.87 -7.64 -12.05
N ALA A 234 -7.84 -8.47 -11.65
CA ALA A 234 -9.27 -8.23 -11.90
C ALA A 234 -9.75 -7.00 -11.20
N GLY A 235 -10.72 -6.34 -11.80
CA GLY A 235 -11.25 -5.09 -11.24
C GLY A 235 -10.63 -3.92 -11.97
N ASN A 236 -10.73 -2.74 -11.35
CA ASN A 236 -10.05 -1.60 -11.91
C ASN A 236 -9.33 -0.71 -10.88
N TYR A 237 -9.04 -1.25 -9.68
CA TYR A 237 -8.15 -0.56 -8.76
C TYR A 237 -6.73 -0.98 -8.96
N HIS A 238 -6.48 -1.78 -10.01
CA HIS A 238 -5.11 -2.08 -10.38
C HIS A 238 -4.24 -0.86 -10.72
N LEU A 239 -2.97 -0.98 -10.40
CA LEU A 239 -1.98 -0.01 -10.87
C LEU A 239 -1.63 -0.15 -12.35
N VAL A 240 -1.76 -1.36 -12.85
CA VAL A 240 -1.34 -1.73 -14.23
C VAL A 240 -2.52 -2.47 -14.86
N ASP A 241 -2.92 -2.03 -16.06
CA ASP A 241 -4.09 -2.55 -16.70
C ASP A 241 -3.79 -3.89 -17.41
N GLU A 242 -4.85 -4.44 -17.96
CA GLU A 242 -4.89 -5.71 -18.69
C GLU A 242 -3.88 -5.81 -19.82
N ASN A 243 -3.47 -4.67 -20.40
CA ASN A 243 -2.46 -4.60 -21.48
C ASN A 243 -1.06 -4.32 -21.00
N PHE A 244 -0.86 -4.48 -19.69
CA PHE A 244 0.36 -4.21 -18.99
C PHE A 244 0.81 -2.75 -19.13
N ASP A 245 -0.15 -1.85 -19.27
CA ASP A 245 0.12 -0.43 -19.30
C ASP A 245 -0.18 0.24 -17.94
N PRO A 246 0.73 1.09 -17.48
CA PRO A 246 0.50 1.76 -16.19
C PRO A 246 -0.60 2.81 -16.20
N LEU A 247 -1.44 2.77 -15.14
CA LEU A 247 -2.48 3.76 -14.90
C LEU A 247 -1.95 4.92 -14.06
N PRO A 248 -2.76 6.00 -13.92
CA PRO A 248 -2.23 7.15 -13.23
C PRO A 248 -1.65 6.84 -11.80
N ASP A 249 -2.33 6.00 -11.06
CA ASP A 249 -1.84 5.59 -9.73
C ASP A 249 -0.48 4.88 -9.76
N TYR A 250 -0.14 4.19 -10.86
CA TYR A 250 1.20 3.65 -11.00
C TYR A 250 2.23 4.80 -11.01
N TRP A 251 2.00 5.79 -11.87
CA TRP A 251 2.95 6.87 -11.99
C TRP A 251 3.06 7.68 -10.66
N LEU A 252 1.92 7.91 -10.03
CA LEU A 252 1.92 8.53 -8.70
C LEU A 252 2.75 7.71 -7.68
N SER A 253 2.60 6.40 -7.75
CA SER A 253 3.29 5.50 -6.88
C SER A 253 4.81 5.55 -7.15
N LEU A 254 5.15 5.59 -8.46
CA LEU A 254 6.58 5.67 -8.82
C LEU A 254 7.23 6.98 -8.32
N LEU A 255 6.56 8.10 -8.55
CA LEU A 255 7.06 9.36 -8.08
C LEU A 255 7.22 9.34 -6.54
N PHE A 256 6.23 8.79 -5.84
CA PHE A 256 6.27 8.71 -4.39
C PHE A 256 7.52 7.91 -3.96
N LYS A 257 7.68 6.75 -4.59
CA LYS A 257 8.83 5.87 -4.34
C LYS A 257 10.16 6.62 -4.53
N LYS A 258 10.26 7.39 -5.58
CA LYS A 258 11.51 8.09 -5.94
C LYS A 258 11.84 9.31 -5.08
N LEU A 259 10.79 10.00 -4.59
CA LEU A 259 10.98 11.28 -3.93
C LEU A 259 10.82 11.25 -2.41
N VAL A 260 9.95 10.38 -1.90
CA VAL A 260 9.56 10.47 -0.50
C VAL A 260 10.38 9.54 0.37
N GLY A 261 11.01 10.11 1.40
CA GLY A 261 11.93 9.37 2.28
C GLY A 261 11.25 8.63 3.39
N THR A 262 12.04 7.89 4.16
CA THR A 262 11.53 7.10 5.27
C THR A 262 11.20 7.92 6.54
N LYS A 263 11.83 9.06 6.68
CA LYS A 263 11.65 9.86 7.87
C LYS A 263 10.48 10.82 7.68
N VAL A 264 9.47 10.67 8.53
CA VAL A 264 8.23 11.40 8.38
C VAL A 264 8.24 12.62 9.26
N LEU A 265 7.88 13.75 8.68
CA LEU A 265 7.78 14.99 9.37
C LEU A 265 6.29 15.46 9.33
N MET A 266 6.04 16.75 9.48
CA MET A 266 4.68 17.25 9.47
C MET A 266 4.59 18.61 8.81
N ALA A 267 3.50 18.79 8.06
CA ALA A 267 3.17 20.08 7.48
C ALA A 267 1.73 20.38 7.82
N SER A 268 1.41 21.64 7.98
CA SER A 268 0.02 22.01 8.10
C SER A 268 -0.19 23.40 7.56
N VAL A 269 -1.46 23.70 7.31
CA VAL A 269 -1.82 24.99 6.72
C VAL A 269 -2.37 25.94 7.77
N GLN A 270 -1.76 27.13 7.85
CA GLN A 270 -2.21 28.19 8.77
C GLN A 270 -3.62 28.65 8.43
N GLY A 271 -4.44 28.92 9.44
CA GLY A 271 -5.85 29.30 9.23
C GLY A 271 -6.70 28.06 9.39
N SER A 272 -6.12 26.92 9.02
CA SER A 272 -6.34 25.63 9.68
C SER A 272 -7.69 24.97 9.41
N LYS A 273 -8.38 25.36 8.34
CA LYS A 273 -9.53 24.58 7.87
C LYS A 273 -9.12 23.13 7.74
N ARG A 274 -7.99 22.88 7.05
CA ARG A 274 -7.36 21.54 7.01
C ARG A 274 -8.28 20.47 6.41
N ARG A 275 -8.99 20.85 5.36
CA ARG A 275 -9.97 19.97 4.78
C ARG A 275 -9.53 19.70 3.34
N LYS A 276 -9.56 20.73 2.49
CA LYS A 276 -9.40 20.51 1.05
C LYS A 276 -7.99 20.74 0.55
N LEU A 277 -7.13 21.33 1.36
CA LEU A 277 -5.71 21.44 1.02
C LEU A 277 -5.01 20.56 2.02
N ARG A 278 -4.48 19.44 1.54
CA ARG A 278 -3.91 18.41 2.40
C ARG A 278 -2.42 18.30 2.13
N VAL A 279 -1.61 18.40 3.19
CA VAL A 279 -0.17 18.51 3.04
C VAL A 279 0.58 17.55 3.97
N TYR A 280 1.70 17.02 3.45
CA TYR A 280 2.49 16.00 4.08
C TYR A 280 3.96 16.32 3.78
N LEU A 281 4.82 15.97 4.73
CA LEU A 281 6.24 16.34 4.65
C LEU A 281 7.08 15.23 5.15
N HIS A 282 8.03 14.76 4.31
CA HIS A 282 9.03 13.78 4.77
C HIS A 282 10.41 14.35 4.37
N CYS A 283 11.45 13.76 4.90
CA CYS A 283 12.78 13.96 4.32
C CYS A 283 12.74 13.35 2.91
N THR A 284 13.52 13.93 2.01
CA THR A 284 13.69 13.39 0.66
C THR A 284 14.34 12.04 0.67
N ASN A 285 13.90 11.13 -0.19
CA ASN A 285 14.51 9.81 -0.35
C ASN A 285 16.00 9.99 -0.74
N THR A 286 16.87 9.49 0.08
CA THR A 286 18.32 9.61 -0.17
C THR A 286 18.82 8.75 -1.34
N ASP A 287 18.04 7.76 -1.76
CA ASP A 287 18.38 6.97 -2.95
C ASP A 287 18.22 7.76 -4.26
N ASN A 288 17.60 8.93 -4.23
CA ASN A 288 17.36 9.68 -5.43
C ASN A 288 18.66 10.38 -5.80
N PRO A 289 19.18 10.15 -7.04
CA PRO A 289 20.52 10.70 -7.31
C PRO A 289 20.54 12.22 -7.41
N ARG A 290 19.39 12.85 -7.68
CA ARG A 290 19.36 14.27 -7.84
C ARG A 290 19.57 15.04 -6.53
N TYR A 291 19.23 14.45 -5.38
CA TYR A 291 19.11 15.23 -4.15
C TYR A 291 20.14 14.80 -3.15
N LYS A 292 20.16 15.48 -2.01
CA LYS A 292 21.16 15.24 -0.98
C LYS A 292 20.57 15.22 0.41
N GLU A 293 21.36 14.73 1.36
CA GLU A 293 20.98 14.59 2.74
C GLU A 293 20.62 15.95 3.26
N GLY A 294 19.48 16.06 3.92
CA GLY A 294 18.99 17.35 4.42
C GLY A 294 17.78 17.86 3.65
N ASP A 295 17.62 17.40 2.42
CA ASP A 295 16.54 17.90 1.51
C ASP A 295 15.17 17.40 2.04
N LEU A 296 14.12 18.17 1.74
CA LEU A 296 12.73 17.86 2.13
C LEU A 296 11.85 17.58 0.94
N THR A 297 10.94 16.65 1.11
CA THR A 297 9.88 16.43 0.14
C THR A 297 8.52 16.73 0.76
N LEU A 298 7.92 17.79 0.28
CA LEU A 298 6.52 18.13 0.53
C LEU A 298 5.61 17.49 -0.55
N TYR A 299 4.45 17.00 -0.13
CA TYR A 299 3.46 16.59 -1.14
C TYR A 299 2.14 17.10 -0.71
N ALA A 300 1.31 17.44 -1.69
CA ALA A 300 0.14 18.22 -1.41
C ALA A 300 -0.97 17.87 -2.37
N ILE A 301 -2.18 17.89 -1.85
CA ILE A 301 -3.41 17.63 -2.59
C ILE A 301 -4.31 18.87 -2.50
N ASN A 302 -4.85 19.30 -3.64
CA ASN A 302 -5.77 20.41 -3.64
C ASN A 302 -7.12 19.94 -4.15
N LEU A 303 -8.07 19.89 -3.25
CA LEU A 303 -9.42 19.43 -3.57
C LEU A 303 -10.38 20.64 -3.72
N HIS A 304 -9.84 21.85 -3.66
CA HIS A 304 -10.61 23.05 -4.05
C HIS A 304 -10.78 23.07 -5.55
N ASN A 305 -11.75 23.88 -6.01
CA ASN A 305 -11.99 24.06 -7.42
C ASN A 305 -11.28 25.26 -8.00
N VAL A 306 -10.34 25.84 -7.24
CA VAL A 306 -9.45 26.88 -7.74
C VAL A 306 -8.03 26.58 -7.34
N THR A 307 -7.11 27.14 -8.08
CA THR A 307 -5.71 27.03 -7.77
C THR A 307 -5.41 27.64 -6.39
N LYS A 308 -4.56 26.98 -5.61
CA LYS A 308 -4.03 27.51 -4.37
C LYS A 308 -2.52 27.68 -4.49
N TYR A 309 -1.98 28.68 -3.79
CA TYR A 309 -0.59 29.05 -3.88
C TYR A 309 -0.03 28.90 -2.48
N LEU A 310 0.97 28.04 -2.33
CA LEU A 310 1.51 27.71 -1.00
C LEU A 310 2.83 28.46 -0.77
N ARG A 311 2.95 29.05 0.40
CA ARG A 311 4.19 29.75 0.75
C ARG A 311 4.95 28.97 1.80
N LEU A 312 6.21 28.71 1.53
CA LEU A 312 7.07 27.93 2.41
C LEU A 312 7.48 28.80 3.58
N PRO A 313 7.64 28.20 4.75
CA PRO A 313 8.07 28.94 5.90
C PRO A 313 9.56 29.11 5.94
N TYR A 314 9.98 30.15 6.66
CA TYR A 314 11.37 30.31 7.06
C TYR A 314 11.80 29.04 7.81
N PRO A 315 12.99 28.50 7.58
CA PRO A 315 14.06 29.07 6.77
C PRO A 315 14.14 28.56 5.31
N PHE A 316 13.01 28.12 4.74
CA PHE A 316 12.96 27.45 3.46
C PHE A 316 12.42 28.32 2.32
N SER A 317 12.02 29.54 2.63
CA SER A 317 11.32 30.43 1.69
C SER A 317 12.08 30.71 0.40
N ASN A 318 13.41 30.81 0.45
CA ASN A 318 14.21 31.12 -0.76
C ASN A 318 14.98 29.96 -1.36
N LYS A 319 14.66 28.74 -0.96
CA LYS A 319 15.37 27.59 -1.45
C LYS A 319 14.91 27.26 -2.87
N GLN A 320 15.80 26.61 -3.62
CA GLN A 320 15.40 26.07 -4.91
C GLN A 320 14.44 24.93 -4.64
N VAL A 321 13.31 24.99 -5.29
CA VAL A 321 12.30 23.93 -5.19
C VAL A 321 12.08 23.28 -6.55
N ASP A 322 12.02 21.95 -6.57
CA ASP A 322 11.68 21.19 -7.76
C ASP A 322 10.26 20.71 -7.65
N LYS A 323 9.46 21.10 -8.63
CA LYS A 323 8.05 20.78 -8.67
C LYS A 323 7.84 19.51 -9.46
N TYR A 324 6.92 18.68 -8.98
CA TYR A 324 6.50 17.46 -9.66
C TYR A 324 4.98 17.39 -9.59
N LEU A 325 4.37 18.14 -10.50
CA LEU A 325 2.90 18.33 -10.53
C LEU A 325 2.24 17.39 -11.54
N LEU A 326 1.28 16.62 -11.03
CA LEU A 326 0.52 15.65 -11.84
C LEU A 326 -0.85 16.22 -12.20
N ARG A 327 -1.17 16.22 -13.50
CA ARG A 327 -2.49 16.60 -14.01
C ARG A 327 -2.94 15.58 -15.03
N PRO A 328 -4.22 15.46 -15.26
CA PRO A 328 -4.68 14.45 -16.23
C PRO A 328 -4.41 14.91 -17.69
N LEU A 329 -4.17 13.95 -18.58
CA LEU A 329 -4.17 14.19 -20.03
C LEU A 329 -5.60 14.13 -20.51
N GLY A 330 -6.01 15.11 -21.28
CA GLY A 330 -7.41 15.25 -21.72
C GLY A 330 -7.74 14.19 -22.76
N PRO A 331 -8.99 14.08 -23.16
CA PRO A 331 -10.07 14.99 -22.87
C PRO A 331 -10.89 14.66 -21.62
N HIS A 332 -10.57 13.56 -20.91
CA HIS A 332 -11.43 13.06 -19.84
C HIS A 332 -11.17 13.60 -18.44
N GLY A 333 -10.29 14.60 -18.32
CA GLY A 333 -10.17 15.33 -17.02
C GLY A 333 -9.84 14.36 -15.92
N LEU A 334 -10.53 14.46 -14.79
CA LEU A 334 -10.16 13.67 -13.65
C LEU A 334 -10.45 12.20 -13.92
N LEU A 335 -11.30 11.91 -14.91
CA LEU A 335 -11.60 10.53 -15.29
C LEU A 335 -10.65 9.95 -16.36
N SER A 336 -9.59 10.68 -16.64
CA SER A 336 -8.56 10.20 -17.55
C SER A 336 -7.72 9.05 -16.98
N LYS A 337 -7.29 8.17 -17.89
CA LYS A 337 -6.34 7.11 -17.55
C LYS A 337 -4.91 7.44 -17.91
N SER A 338 -4.67 8.68 -18.33
CA SER A 338 -3.35 9.17 -18.65
C SER A 338 -3.03 10.40 -17.85
N VAL A 339 -1.75 10.58 -17.53
CA VAL A 339 -1.32 11.67 -16.63
C VAL A 339 -0.11 12.35 -17.19
N GLN A 340 -0.03 13.65 -16.93
CA GLN A 340 1.15 14.43 -17.31
C GLN A 340 1.91 14.87 -16.06
N LEU A 341 3.23 14.84 -16.13
CA LEU A 341 4.09 15.35 -15.07
C LEU A 341 4.64 16.66 -15.55
N ASN A 342 4.30 17.76 -14.89
CA ASN A 342 4.79 19.06 -15.32
C ASN A 342 4.54 19.29 -16.85
N GLY A 343 3.36 18.87 -17.31
CA GLY A 343 2.96 19.02 -18.72
C GLY A 343 3.47 18.01 -19.74
N LEU A 344 4.17 16.97 -19.31
CA LEU A 344 4.72 15.93 -20.17
C LEU A 344 3.99 14.65 -19.85
N THR A 345 3.28 14.09 -20.82
CA THR A 345 2.60 12.79 -20.65
C THR A 345 3.59 11.69 -20.19
N LEU A 346 3.24 10.98 -19.13
CA LEU A 346 4.04 9.88 -18.66
C LEU A 346 3.70 8.60 -19.38
N LYS A 347 4.73 8.03 -20.00
CA LYS A 347 4.57 6.80 -20.75
C LYS A 347 5.90 6.07 -20.85
N MET A 348 5.84 4.77 -21.01
CA MET A 348 7.06 3.98 -21.09
C MET A 348 7.84 4.38 -22.34
N VAL A 349 9.17 4.33 -22.23
CA VAL A 349 10.06 4.56 -23.40
C VAL A 349 9.89 3.34 -24.31
N ASP A 350 10.01 2.16 -23.71
CA ASP A 350 9.69 0.90 -24.35
C ASP A 350 9.34 -0.06 -23.22
N ASP A 351 9.15 -1.34 -23.54
CA ASP A 351 8.79 -2.36 -22.56
C ASP A 351 9.79 -2.63 -21.45
N GLN A 352 11.05 -2.24 -21.64
CA GLN A 352 12.06 -2.45 -20.62
C GLN A 352 12.46 -1.16 -19.93
N THR A 353 11.88 -0.03 -20.33
CA THR A 353 12.44 1.26 -19.92
C THR A 353 11.41 2.27 -19.41
N LEU A 354 11.41 2.50 -18.10
CA LEU A 354 10.70 3.64 -17.53
C LEU A 354 11.23 4.98 -18.03
N PRO A 355 10.35 5.99 -18.19
CA PRO A 355 10.85 7.28 -18.58
C PRO A 355 11.51 7.99 -17.42
N PRO A 356 12.34 9.01 -17.71
CA PRO A 356 12.81 9.86 -16.64
C PRO A 356 11.62 10.68 -16.08
N LEU A 357 11.71 11.04 -14.82
CA LEU A 357 10.67 11.83 -14.13
C LEU A 357 11.20 13.23 -14.00
N MET A 358 10.84 14.07 -14.94
CA MET A 358 11.53 15.34 -15.07
C MET A 358 10.86 16.38 -14.20
N GLU A 359 11.64 16.90 -13.28
CA GLU A 359 11.22 18.03 -12.43
C GLU A 359 11.03 19.34 -13.19
N LYS A 360 10.34 20.27 -12.56
CA LYS A 360 10.24 21.65 -13.00
C LYS A 360 10.86 22.53 -11.90
N PRO A 361 12.06 23.09 -12.15
CA PRO A 361 12.64 23.99 -11.15
C PRO A 361 11.88 25.28 -11.09
N LEU A 362 11.49 25.68 -9.88
CA LEU A 362 10.77 26.94 -9.71
C LEU A 362 11.71 28.07 -9.38
N ARG A 363 11.22 29.31 -9.56
CA ARG A 363 12.00 30.48 -9.26
C ARG A 363 12.13 30.51 -7.74
N PRO A 364 13.37 30.57 -7.20
CA PRO A 364 13.52 30.67 -5.73
C PRO A 364 12.73 31.84 -5.18
N GLY A 365 12.08 31.62 -4.04
CA GLY A 365 11.18 32.60 -3.46
C GLY A 365 9.74 32.54 -3.95
N SER A 366 9.46 31.81 -5.04
CA SER A 366 8.09 31.80 -5.54
C SER A 366 7.18 30.92 -4.67
N SER A 367 5.90 31.24 -4.72
CA SER A 367 4.88 30.44 -4.08
C SER A 367 4.68 29.18 -4.94
N LEU A 368 4.24 28.12 -4.30
CA LEU A 368 4.10 26.83 -4.95
C LEU A 368 2.68 26.75 -5.43
N GLY A 369 2.49 26.81 -6.75
CA GLY A 369 1.18 26.68 -7.38
C GLY A 369 0.60 25.26 -7.45
N LEU A 370 -0.63 25.10 -6.97
CA LEU A 370 -1.27 23.80 -6.93
C LEU A 370 -2.64 24.01 -7.55
N PRO A 371 -2.79 23.67 -8.83
CA PRO A 371 -4.11 23.81 -9.47
C PRO A 371 -5.27 23.08 -8.79
N ALA A 372 -6.47 23.50 -9.10
CA ALA A 372 -7.66 22.80 -8.68
C ALA A 372 -7.56 21.30 -8.99
N PHE A 373 -8.08 20.49 -8.06
CA PHE A 373 -8.16 19.05 -8.25
C PHE A 373 -6.86 18.48 -8.80
N SER A 374 -5.77 18.73 -8.08
CA SER A 374 -4.46 18.24 -8.48
C SER A 374 -3.66 17.80 -7.25
N TYR A 375 -2.55 17.14 -7.50
CA TYR A 375 -1.58 16.77 -6.45
C TYR A 375 -0.19 16.92 -7.00
N SER A 376 0.71 17.24 -6.10
CA SER A 376 2.08 17.56 -6.48
C SER A 376 3.07 17.20 -5.39
N PHE A 377 4.30 16.91 -5.81
CA PHE A 377 5.42 16.78 -4.88
C PHE A 377 6.28 18.03 -5.12
N PHE A 378 6.98 18.47 -4.08
CA PHE A 378 7.89 19.61 -4.15
C PHE A 378 9.12 19.19 -3.34
N VAL A 379 10.31 19.16 -3.97
CA VAL A 379 11.54 18.86 -3.29
C VAL A 379 12.25 20.18 -3.01
N ILE A 380 12.55 20.41 -1.74
CA ILE A 380 13.15 21.65 -1.27
C ILE A 380 14.63 21.33 -1.21
N ARG A 381 15.37 21.90 -2.16
CA ARG A 381 16.79 21.61 -2.28
C ARG A 381 17.63 22.43 -1.33
N ASN A 382 18.69 21.81 -0.87
CA ASN A 382 19.59 22.42 0.13
C ASN A 382 18.86 22.88 1.38
N ALA A 383 17.85 22.13 1.77
CA ALA A 383 17.07 22.46 2.95
C ALA A 383 17.92 22.35 4.23
N LYS A 384 18.91 21.49 4.19
CA LYS A 384 19.84 21.28 5.30
C LYS A 384 19.15 21.01 6.63
N VAL A 385 18.15 20.12 6.57
CA VAL A 385 17.42 19.76 7.77
C VAL A 385 18.18 18.67 8.51
N ALA A 386 18.66 19.01 9.71
CA ALA A 386 19.46 18.08 10.54
C ALA A 386 18.75 16.78 10.77
N ALA A 387 17.43 16.84 10.96
CA ALA A 387 16.67 15.61 11.14
C ALA A 387 16.75 14.65 9.98
N CYS A 388 17.10 15.15 8.80
CA CYS A 388 17.13 14.37 7.58
C CYS A 388 18.55 13.99 7.15
N ILE A 389 19.53 14.20 8.03
CA ILE A 389 20.91 13.83 7.74
C ILE A 389 21.21 12.76 8.77
N GLN B 4 -8.05 36.01 -1.16
CA GLN B 4 -6.89 35.47 -1.93
C GLN B 4 -6.78 33.96 -1.72
N ASP B 5 -5.96 33.35 -2.57
CA ASP B 5 -5.79 31.89 -2.61
C ASP B 5 -4.36 31.53 -2.21
N VAL B 6 -3.74 32.36 -1.38
CA VAL B 6 -2.35 32.15 -0.93
C VAL B 6 -2.41 31.62 0.48
N VAL B 7 -1.63 30.60 0.77
CA VAL B 7 -1.75 29.90 2.05
C VAL B 7 -0.35 29.70 2.60
N ASP B 8 -0.20 29.89 3.89
CA ASP B 8 1.12 29.74 4.50
C ASP B 8 1.22 28.34 5.10
N LEU B 9 2.36 27.69 4.85
CA LEU B 9 2.59 26.38 5.47
C LEU B 9 3.44 26.53 6.69
N ASP B 10 3.15 25.71 7.69
CA ASP B 10 4.04 25.49 8.85
C ASP B 10 4.63 24.08 8.80
N PHE B 11 5.91 23.96 9.12
CA PHE B 11 6.61 22.70 9.05
C PHE B 11 7.20 22.35 10.42
N PHE B 12 7.05 21.10 10.82
CA PHE B 12 7.81 20.58 11.95
C PHE B 12 8.94 19.80 11.36
N THR B 13 10.18 20.19 11.68
CA THR B 13 11.35 19.56 11.13
C THR B 13 12.38 19.21 12.21
N GLN B 14 12.04 19.33 13.49
CA GLN B 14 13.05 19.14 14.60
C GLN B 14 13.56 17.73 14.65
N GLU B 15 12.71 16.74 14.38
CA GLU B 15 13.10 15.34 14.41
C GLU B 15 12.10 14.51 13.66
N PRO B 16 12.48 13.30 13.22
CA PRO B 16 11.47 12.47 12.63
C PRO B 16 10.36 12.11 13.61
N LEU B 17 9.14 12.22 13.17
CA LEU B 17 7.97 11.83 13.95
C LEU B 17 7.67 10.37 13.83
N HIS B 18 7.98 9.77 12.68
CA HIS B 18 7.95 8.36 12.50
C HIS B 18 8.95 7.99 11.45
N LEU B 19 9.27 6.70 11.43
CA LEU B 19 10.13 6.15 10.41
C LEU B 19 9.29 5.04 9.72
N VAL B 20 9.06 5.19 8.42
CA VAL B 20 8.43 4.16 7.62
C VAL B 20 9.47 3.24 7.02
N SER B 21 9.02 2.05 6.66
CA SER B 21 9.88 1.10 5.99
C SER B 21 10.36 1.68 4.69
N PRO B 22 11.59 1.30 4.27
CA PRO B 22 11.91 1.58 2.87
C PRO B 22 10.90 1.01 1.87
N SER B 23 10.21 -0.06 2.26
CA SER B 23 9.13 -0.68 1.48
C SER B 23 7.75 -0.12 1.88
N PHE B 24 7.71 1.11 2.39
CA PHE B 24 6.44 1.68 2.84
C PHE B 24 5.33 1.57 1.79
N LEU B 25 5.62 1.90 0.53
CA LEU B 25 4.69 1.75 -0.52
C LEU B 25 4.92 0.38 -1.14
N SER B 26 4.04 -0.53 -0.78
CA SER B 26 4.03 -1.91 -1.25
C SER B 26 2.77 -2.23 -2.05
N VAL B 27 2.69 -3.45 -2.61
CA VAL B 27 1.62 -3.82 -3.50
C VAL B 27 1.19 -5.27 -3.28
N THR B 28 0.04 -5.59 -3.81
CA THR B 28 -0.47 -6.92 -3.72
C THR B 28 -0.67 -7.52 -5.10
N ILE B 29 -0.81 -8.85 -5.07
CA ILE B 29 -1.42 -9.64 -6.15
C ILE B 29 -2.48 -10.44 -5.41
N ASP B 30 -3.72 -10.33 -5.88
CA ASP B 30 -4.80 -11.00 -5.22
C ASP B 30 -4.65 -12.52 -5.46
N ALA B 31 -4.92 -13.28 -4.43
CA ALA B 31 -4.98 -14.77 -4.52
C ALA B 31 -5.82 -15.25 -5.71
N ASN B 32 -6.87 -14.52 -6.03
CA ASN B 32 -7.73 -14.78 -7.19
C ASN B 32 -6.98 -14.97 -8.50
N LEU B 33 -5.89 -14.27 -8.69
CA LEU B 33 -5.12 -14.29 -9.92
C LEU B 33 -4.57 -15.68 -10.20
N ALA B 34 -4.24 -16.45 -9.15
CA ALA B 34 -3.78 -17.85 -9.33
C ALA B 34 -4.86 -18.76 -9.90
N THR B 35 -6.11 -18.32 -9.91
CA THR B 35 -7.20 -19.04 -10.56
C THR B 35 -7.39 -18.67 -12.02
N ASP B 36 -6.55 -17.77 -12.54
CA ASP B 36 -6.67 -17.33 -13.92
C ASP B 36 -5.82 -18.35 -14.71
N PRO B 37 -6.40 -18.95 -15.80
CA PRO B 37 -5.63 -19.94 -16.59
C PRO B 37 -4.35 -19.41 -17.19
N ARG B 38 -4.26 -18.10 -17.37
CA ARG B 38 -3.10 -17.44 -17.98
C ARG B 38 -2.08 -16.85 -16.97
N PHE B 39 -2.15 -17.28 -15.70
CA PHE B 39 -1.31 -16.81 -14.59
C PHE B 39 0.18 -16.79 -14.97
N LEU B 40 0.66 -17.85 -15.62
CA LEU B 40 2.05 -17.91 -16.05
C LEU B 40 2.40 -16.85 -17.10
N ILE B 41 1.53 -16.67 -18.08
CA ILE B 41 1.77 -15.68 -19.12
C ILE B 41 1.77 -14.31 -18.45
N LEU B 42 0.75 -14.08 -17.62
CA LEU B 42 0.57 -12.77 -16.96
C LEU B 42 1.80 -12.35 -16.16
N LEU B 43 2.20 -13.16 -15.19
CA LEU B 43 3.35 -12.82 -14.31
C LEU B 43 4.72 -13.07 -14.95
N GLY B 44 4.76 -13.82 -16.05
CA GLY B 44 5.98 -13.85 -16.86
C GLY B 44 6.20 -12.66 -17.77
N SER B 45 5.20 -11.77 -17.88
CA SER B 45 5.27 -10.60 -18.74
C SER B 45 6.49 -9.74 -18.45
N PRO B 46 7.39 -9.58 -19.44
CA PRO B 46 8.53 -8.71 -19.22
C PRO B 46 8.12 -7.23 -18.99
N LYS B 47 7.09 -6.78 -19.68
CA LYS B 47 6.56 -5.43 -19.54
C LYS B 47 6.13 -5.23 -18.06
N LEU B 48 5.40 -6.21 -17.54
CA LEU B 48 4.87 -6.14 -16.15
C LEU B 48 6.00 -6.16 -15.16
N ARG B 49 7.04 -6.94 -15.43
CA ARG B 49 8.14 -7.00 -14.47
C ARG B 49 8.96 -5.72 -14.46
N THR B 50 9.08 -5.05 -15.60
CA THR B 50 9.74 -3.76 -15.64
C THR B 50 8.98 -2.77 -14.73
N LEU B 51 7.68 -2.80 -14.83
CA LEU B 51 6.85 -1.91 -13.99
C LEU B 51 6.99 -2.28 -12.52
N ALA B 52 6.96 -3.57 -12.18
CA ALA B 52 7.13 -3.98 -10.79
C ALA B 52 8.50 -3.57 -10.22
N ARG B 53 9.56 -3.68 -11.05
CA ARG B 53 10.89 -3.24 -10.61
C ARG B 53 10.97 -1.78 -10.22
N GLY B 54 10.19 -0.94 -10.90
CA GLY B 54 10.11 0.49 -10.58
C GLY B 54 9.74 0.76 -9.13
N LEU B 55 9.02 -0.17 -8.50
CA LEU B 55 8.52 0.08 -7.15
C LEU B 55 9.36 -0.61 -6.10
N SER B 56 10.41 -1.32 -6.53
CA SER B 56 11.37 -1.86 -5.58
C SER B 56 12.11 -0.73 -4.81
N PRO B 57 12.35 -0.87 -3.52
CA PRO B 57 12.03 -2.03 -2.71
C PRO B 57 10.57 -1.98 -2.23
N ALA B 58 10.00 -3.14 -2.16
CA ALA B 58 8.61 -3.31 -1.74
C ALA B 58 8.29 -4.74 -1.44
N TYR B 59 7.27 -4.92 -0.60
CA TYR B 59 6.65 -6.21 -0.46
C TYR B 59 5.66 -6.45 -1.59
N LEU B 60 5.53 -7.72 -1.99
CA LEU B 60 4.47 -8.16 -2.84
C LEU B 60 3.66 -9.14 -2.00
N ARG B 61 2.46 -8.76 -1.58
CA ARG B 61 1.64 -9.60 -0.76
C ARG B 61 0.66 -10.36 -1.64
N PHE B 62 0.74 -11.68 -1.58
CA PHE B 62 -0.18 -12.54 -2.27
C PHE B 62 -1.28 -13.01 -1.34
N GLY B 63 -2.49 -12.50 -1.58
CA GLY B 63 -3.60 -12.76 -0.67
C GLY B 63 -4.85 -12.07 -1.10
N GLY B 64 -5.93 -12.29 -0.35
CA GLY B 64 -7.27 -11.82 -0.69
C GLY B 64 -8.29 -12.82 -0.19
N THR B 65 -9.58 -12.65 -0.54
CA THR B 65 -10.60 -13.60 -0.06
C THR B 65 -10.22 -15.04 -0.44
N LYS B 66 -9.71 -15.21 -1.66
CA LYS B 66 -9.35 -16.58 -2.12
C LYS B 66 -8.20 -17.23 -1.37
N THR B 67 -7.48 -16.47 -0.54
CA THR B 67 -6.48 -17.07 0.36
C THR B 67 -7.01 -18.31 1.09
N ASP B 68 -8.25 -18.22 1.57
CA ASP B 68 -8.82 -19.24 2.40
C ASP B 68 -9.64 -20.24 1.59
N PHE B 69 -9.47 -20.22 0.27
CA PHE B 69 -10.12 -21.17 -0.65
C PHE B 69 -9.13 -21.74 -1.65
N LEU B 70 -7.85 -21.71 -1.30
CA LEU B 70 -6.76 -22.22 -2.15
C LEU B 70 -6.01 -23.29 -1.42
N ILE B 71 -5.80 -24.42 -2.08
CA ILE B 71 -5.11 -25.57 -1.49
C ILE B 71 -3.92 -25.94 -2.40
N PHE B 72 -2.75 -26.15 -1.79
CA PHE B 72 -1.55 -26.51 -2.53
C PHE B 72 -1.77 -27.96 -2.94
N ASP B 73 -1.50 -28.24 -4.19
CA ASP B 73 -1.48 -29.63 -4.68
C ASP B 73 -0.15 -29.88 -5.38
N PRO B 74 0.79 -30.57 -4.71
CA PRO B 74 2.09 -30.89 -5.33
C PRO B 74 2.06 -31.90 -6.51
N LYS B 75 0.92 -32.56 -6.79
CA LYS B 75 0.80 -33.41 -8.01
C LYS B 75 0.43 -32.61 -9.26
N LYS B 76 -0.24 -31.47 -9.09
CA LYS B 76 -0.80 -30.71 -10.22
C LYS B 76 0.30 -30.18 -11.15
N GLU B 77 -0.02 -30.01 -12.43
CA GLU B 77 0.95 -29.62 -13.46
C GLU B 77 0.70 -28.21 -14.00
#